data_5ADT
#
_entry.id   5ADT
#
_cell.length_a   66.330
_cell.length_b   66.330
_cell.length_c   120.840
_cell.angle_alpha   90.00
_cell.angle_beta   90.00
_cell.angle_gamma   90.00
#
_symmetry.space_group_name_H-M   'P 41 21 2'
#
loop_
_entity.id
_entity.type
_entity.pdbx_description
1 polymer TANKYRASE-2
2 polymer TANKYRASE-2
3 non-polymer 'BICARBONATE ION'
4 non-polymer 'SULFATE ION'
5 non-polymer N-[3-chloranyl-4-[[4-(4-methoxyphenyl)oxan-4-yl]methylcarbamoyl]phenyl]-2-methyl-1,3-oxazole-5-carboxamide
6 non-polymer 'ZINC ION'
7 water water
#
loop_
_entity_poly.entity_id
_entity_poly.type
_entity_poly.pdbx_seq_one_letter_code
_entity_poly.pdbx_strand_id
1 'polypeptide(L)'
;MHHHHHHSSGVDLGTENLYFQSMLNTSGSGTILIDLSPDDKEFQSVEEEMQSTVREHRDGGHAGGIFNRYNILKIQKVCN
KKLWERYTHRRKEVSEENHNHANERMLFHGSPFVNAIIHKGFDERHAYIGGMFGAGIYFAENSSKSNQYVYGIGGGTGCP
VHKDRSCYICHRQLLFCRVTLGKSFLQFSAM
;
A
2 'polypeptide(L)' MAHSPPGHHSVTGRPSVNGLALAEYVIYRGEQAYPEYLITYQIMRPEG B
#
loop_
_chem_comp.id
_chem_comp.type
_chem_comp.name
_chem_comp.formula
1TC non-polymer N-[3-chloranyl-4-[[4-(4-methoxyphenyl)oxan-4-yl]methylcarbamoyl]phenyl]-2-methyl-1,3-oxazole-5-carboxamide 'C25 H26 Cl N3 O5'
BCT non-polymer 'BICARBONATE ION' 'C H O3 -1'
SO4 non-polymer 'SULFATE ION' 'O4 S -2'
ZN non-polymer 'ZINC ION' 'Zn 2'
#
# COMPACT_ATOMS: atom_id res chain seq x y z
N GLY A 30 -16.61 -1.39 14.20
CA GLY A 30 -15.81 -2.63 14.43
C GLY A 30 -14.34 -2.33 14.62
N THR A 31 -13.85 -1.25 14.02
CA THR A 31 -12.39 -1.02 13.99
C THR A 31 -11.91 -0.23 15.19
N ILE A 32 -10.95 -0.77 15.93
CA ILE A 32 -10.15 0.06 16.83
C ILE A 32 -8.68 0.23 16.37
N LEU A 33 -8.11 1.40 16.69
CA LEU A 33 -6.75 1.79 16.34
C LEU A 33 -5.91 1.89 17.59
N ILE A 34 -4.88 1.06 17.70
CA ILE A 34 -4.01 1.01 18.86
C ILE A 34 -2.68 1.70 18.58
N ASP A 35 -2.42 2.77 19.31
CA ASP A 35 -1.15 3.49 19.18
C ASP A 35 0.07 2.71 19.58
N LEU A 36 1.07 2.63 18.72
CA LEU A 36 2.32 2.03 19.14
C LEU A 36 3.27 3.11 19.64
N SER A 37 3.95 2.81 20.73
CA SER A 37 5.01 3.67 21.24
C SER A 37 6.25 3.57 20.33
N PRO A 38 6.97 4.69 20.14
CA PRO A 38 8.25 4.64 19.40
C PRO A 38 9.32 3.67 19.92
N ASP A 39 9.24 3.26 21.19
CA ASP A 39 10.19 2.27 21.75
C ASP A 39 9.77 0.83 21.49
N ASP A 40 8.53 0.64 21.08
CA ASP A 40 8.08 -0.67 20.71
C ASP A 40 8.83 -1.14 19.45
N LYS A 41 9.33 -2.37 19.52
CA LYS A 41 10.05 -2.97 18.40
C LYS A 41 9.17 -3.04 17.12
N GLU A 42 7.89 -3.25 17.29
CA GLU A 42 6.96 -3.28 16.19
C GLU A 42 6.93 -1.89 15.48
N PHE A 43 6.90 -0.79 16.24
CA PHE A 43 7.01 0.58 15.67
C PHE A 43 8.25 0.69 14.83
N GLN A 44 9.36 0.21 15.37
CA GLN A 44 10.65 0.39 14.76
C GLN A 44 10.80 -0.40 13.47
N SER A 45 10.29 -1.63 13.44
CA SER A 45 10.41 -2.46 12.25
C SER A 45 9.52 -1.97 11.10
N VAL A 46 8.34 -1.48 11.43
CA VAL A 46 7.47 -0.86 10.43
C VAL A 46 8.10 0.43 9.91
N GLU A 47 8.56 1.31 10.80
CA GLU A 47 9.25 2.53 10.37
C GLU A 47 10.45 2.21 9.46
N GLU A 48 11.25 1.23 9.83
CA GLU A 48 12.37 0.82 9.01
C GLU A 48 11.98 0.40 7.61
N GLU A 49 10.86 -0.33 7.46
CA GLU A 49 10.36 -0.65 6.13
C GLU A 49 9.93 0.57 5.31
N MET A 50 9.25 1.51 5.95
CA MET A 50 8.92 2.80 5.32
C MET A 50 10.19 3.51 4.82
N GLN A 51 11.11 3.80 5.73
CA GLN A 51 12.25 4.63 5.42
C GLN A 51 13.12 3.98 4.35
N SER A 52 13.27 2.66 4.42
CA SER A 52 14.29 2.04 3.58
C SER A 52 13.79 1.72 2.17
N THR A 53 12.52 1.98 1.85
CA THR A 53 12.01 1.64 0.54
C THR A 53 11.63 2.89 -0.21
N VAL A 54 12.20 4.02 0.21
CA VAL A 54 12.08 5.25 -0.55
C VAL A 54 13.03 5.15 -1.74
N ARG A 55 12.58 5.57 -2.92
CA ARG A 55 13.45 5.70 -4.09
C ARG A 55 13.22 7.00 -4.82
N GLU A 56 14.10 7.27 -5.77
CA GLU A 56 13.86 8.36 -6.74
C GLU A 56 12.82 7.96 -7.75
N HIS A 57 11.99 8.90 -8.19
CA HIS A 57 10.99 8.64 -9.20
C HIS A 57 11.23 9.44 -10.48
N ARG A 58 10.79 8.88 -11.59
CA ARG A 58 11.13 9.45 -12.90
C ARG A 58 10.48 10.81 -13.15
N ASP A 59 9.47 11.17 -12.36
CA ASP A 59 8.86 12.48 -12.46
C ASP A 59 9.57 13.56 -11.65
N GLY A 60 10.71 13.24 -11.04
CA GLY A 60 11.49 14.23 -10.26
C GLY A 60 10.74 14.78 -9.03
N GLY A 61 9.71 14.08 -8.57
CA GLY A 61 8.97 14.53 -7.41
C GLY A 61 7.65 15.20 -7.71
N HIS A 62 7.26 15.25 -8.98
CA HIS A 62 6.01 15.92 -9.34
C HIS A 62 4.77 15.40 -8.62
N ALA A 63 4.55 14.10 -8.65
CA ALA A 63 3.36 13.52 -8.01
C ALA A 63 3.41 13.52 -6.44
N GLY A 64 4.54 13.12 -5.89
CA GLY A 64 4.62 12.77 -4.47
C GLY A 64 5.46 13.72 -3.65
N GLY A 65 6.20 14.59 -4.33
CA GLY A 65 7.10 15.56 -3.71
C GLY A 65 8.53 15.12 -3.74
N ILE A 66 9.38 16.02 -3.27
CA ILE A 66 10.81 15.86 -3.26
C ILE A 66 11.29 15.56 -1.83
N PHE A 67 11.84 14.36 -1.64
CA PHE A 67 12.31 13.96 -0.32
C PHE A 67 13.15 12.71 -0.47
N ASN A 68 14.01 12.46 0.52
CA ASN A 68 14.69 11.17 0.68
C ASN A 68 14.21 10.35 1.87
N ARG A 69 13.42 10.94 2.76
CA ARG A 69 12.96 10.27 3.99
C ARG A 69 11.76 10.97 4.60
N TYR A 70 11.16 10.30 5.57
CA TYR A 70 9.95 10.78 6.19
C TYR A 70 10.21 11.16 7.64
N ASN A 71 9.31 12.00 8.16
CA ASN A 71 9.10 12.18 9.59
C ASN A 71 7.86 11.38 10.01
N ILE A 72 8.07 10.23 10.67
CA ILE A 72 6.98 9.36 11.07
C ILE A 72 6.37 9.95 12.36
N LEU A 73 5.10 10.33 12.30
CA LEU A 73 4.45 10.96 13.40
C LEU A 73 3.71 9.96 14.32
N LYS A 74 3.18 8.89 13.76
CA LYS A 74 2.39 7.97 14.50
C LYS A 74 2.21 6.68 13.72
N ILE A 75 2.27 5.55 14.42
CA ILE A 75 1.91 4.26 13.84
C ILE A 75 0.83 3.64 14.68
N GLN A 76 -0.28 3.26 14.07
CA GLN A 76 -1.36 2.61 14.77
C GLN A 76 -1.58 1.22 14.18
N LYS A 77 -1.72 0.25 15.07
CA LYS A 77 -2.17 -1.10 14.70
C LYS A 77 -3.69 -1.06 14.48
N VAL A 78 -4.13 -1.67 13.39
CA VAL A 78 -5.53 -1.70 13.07
C VAL A 78 -6.14 -3.03 13.54
N CYS A 79 -7.16 -2.96 14.41
CA CYS A 79 -7.77 -4.17 14.97
CA CYS A 79 -7.77 -4.17 14.98
C CYS A 79 -9.25 -4.24 14.60
N ASN A 80 -9.59 -5.26 13.81
CA ASN A 80 -10.98 -5.52 13.45
C ASN A 80 -11.19 -7.01 13.18
N LYS A 81 -11.91 -7.65 14.11
CA LYS A 81 -12.10 -9.08 14.18
C LYS A 81 -12.77 -9.66 12.94
N LYS A 82 -13.77 -8.94 12.44
CA LYS A 82 -14.52 -9.36 11.28
C LYS A 82 -13.65 -9.28 10.03
N LEU A 83 -12.93 -8.17 9.84
CA LEU A 83 -12.11 -8.08 8.67
C LEU A 83 -10.98 -9.13 8.71
N TRP A 84 -10.48 -9.46 9.90
CA TRP A 84 -9.39 -10.41 10.04
C TRP A 84 -9.86 -11.84 9.73
N GLU A 85 -11.05 -12.19 10.21
CA GLU A 85 -11.57 -13.52 9.97
C GLU A 85 -11.85 -13.75 8.51
N ARG A 86 -12.26 -12.72 7.79
CA ARG A 86 -12.50 -12.92 6.40
C ARG A 86 -11.21 -12.94 5.59
N TYR A 87 -10.17 -12.28 6.12
CA TYR A 87 -8.86 -12.33 5.51
C TYR A 87 -8.32 -13.75 5.61
N THR A 88 -8.29 -14.30 6.82
CA THR A 88 -7.75 -15.63 7.08
C THR A 88 -8.56 -16.75 6.41
N HIS A 89 -9.86 -16.54 6.26
CA HIS A 89 -10.70 -17.52 5.56
C HIS A 89 -10.29 -17.55 4.08
N ARG A 90 -10.14 -16.38 3.47
CA ARG A 90 -9.73 -16.34 2.08
C ARG A 90 -8.30 -16.89 1.90
N ARG A 91 -7.41 -16.59 2.84
CA ARG A 91 -6.00 -16.97 2.76
C ARG A 91 -5.85 -18.49 2.70
N LYS A 92 -6.67 -19.18 3.50
CA LYS A 92 -6.67 -20.61 3.52
C LYS A 92 -7.14 -21.21 2.18
N GLU A 93 -8.20 -20.65 1.58
CA GLU A 93 -8.63 -21.04 0.25
C GLU A 93 -7.53 -20.92 -0.80
N VAL A 94 -6.83 -19.79 -0.81
CA VAL A 94 -5.77 -19.55 -1.79
C VAL A 94 -4.64 -20.56 -1.58
N SER A 95 -4.24 -20.70 -0.33
CA SER A 95 -3.15 -21.57 0.02
C SER A 95 -3.40 -23.00 -0.48
N GLU A 96 -4.61 -23.49 -0.28
CA GLU A 96 -4.99 -24.83 -0.76
C GLU A 96 -5.08 -24.90 -2.27
N GLU A 97 -5.26 -23.77 -2.93
CA GLU A 97 -5.13 -23.70 -4.37
C GLU A 97 -3.68 -23.57 -4.86
N ASN A 98 -2.69 -23.52 -3.96
CA ASN A 98 -1.34 -23.18 -4.39
C ASN A 98 -0.27 -23.90 -3.56
N HIS A 99 -0.34 -25.23 -3.59
CA HIS A 99 0.59 -26.10 -2.89
C HIS A 99 0.89 -25.62 -1.46
N ASN A 100 -0.19 -25.27 -0.77
CA ASN A 100 -0.16 -24.81 0.61
C ASN A 100 0.69 -23.59 0.80
N HIS A 101 0.63 -22.67 -0.17
CA HIS A 101 1.45 -21.47 -0.13
C HIS A 101 0.55 -20.26 -0.42
N ALA A 102 0.19 -19.55 0.62
CA ALA A 102 -0.54 -18.29 0.52
C ALA A 102 0.27 -17.19 -0.20
N ASN A 103 1.61 -17.21 -0.07
CA ASN A 103 2.43 -16.20 -0.69
C ASN A 103 2.03 -14.81 -0.11
N GLU A 104 2.06 -14.75 1.21
CA GLU A 104 1.70 -13.57 1.98
C GLU A 104 2.84 -12.56 2.09
N ARG A 105 2.56 -11.33 1.71
CA ARG A 105 3.53 -10.25 1.83
C ARG A 105 3.00 -9.13 2.70
N MET A 106 3.92 -8.26 3.12
CA MET A 106 3.60 -7.00 3.75
C MET A 106 3.93 -5.86 2.78
N LEU A 107 2.90 -5.11 2.39
CA LEU A 107 3.06 -4.11 1.35
C LEU A 107 2.39 -2.78 1.65
N PHE A 108 2.88 -1.74 0.98
CA PHE A 108 2.31 -0.41 1.16
C PHE A 108 1.09 -0.19 0.25
N HIS A 109 0.15 0.61 0.76
CA HIS A 109 -0.98 1.10 0.00
C HIS A 109 -1.24 2.57 0.34
N GLY A 110 -1.22 3.38 -0.71
CA GLY A 110 -1.54 4.82 -0.62
C GLY A 110 -2.68 5.15 -1.57
N SER A 111 -3.68 5.85 -1.06
CA SER A 111 -4.78 6.39 -1.85
C SER A 111 -5.53 7.34 -0.92
N PRO A 112 -6.46 8.12 -1.49
CA PRO A 112 -7.34 8.92 -0.65
C PRO A 112 -8.40 8.14 0.15
N PHE A 113 -8.49 6.82 0.02
CA PHE A 113 -9.59 6.09 0.61
C PHE A 113 -9.21 5.35 1.89
N VAL A 114 -8.06 5.74 2.49
CA VAL A 114 -7.50 5.04 3.65
C VAL A 114 -8.46 5.03 4.82
N ASN A 115 -9.19 6.12 5.03
CA ASN A 115 -10.09 6.17 6.18
C ASN A 115 -11.31 5.27 6.03
N ALA A 116 -11.80 5.11 4.82
CA ALA A 116 -12.85 4.12 4.56
C ALA A 116 -12.32 2.68 4.64
N ILE A 117 -11.14 2.45 4.07
CA ILE A 117 -10.53 1.10 4.09
C ILE A 117 -10.40 0.54 5.49
N ILE A 118 -9.89 1.33 6.43
CA ILE A 118 -9.66 0.81 7.78
C ILE A 118 -10.94 0.50 8.57
N HIS A 119 -12.03 1.15 8.23
CA HIS A 119 -13.33 0.87 8.87
C HIS A 119 -14.12 -0.17 8.12
N LYS A 120 -14.06 -0.16 6.80
CA LYS A 120 -14.91 -1.06 6.02
C LYS A 120 -14.14 -2.19 5.35
N GLY A 121 -12.80 -2.16 5.38
CA GLY A 121 -12.00 -3.18 4.67
C GLY A 121 -11.84 -2.79 3.22
N PHE A 122 -10.93 -3.45 2.51
CA PHE A 122 -10.76 -3.18 1.09
C PHE A 122 -12.00 -3.75 0.35
N ASP A 123 -12.40 -3.11 -0.73
CA ASP A 123 -13.58 -3.56 -1.45
C ASP A 123 -13.35 -3.37 -2.93
N GLU A 124 -13.30 -4.49 -3.66
CA GLU A 124 -12.94 -4.49 -5.07
C GLU A 124 -14.00 -3.80 -5.91
N ARG A 125 -15.23 -3.76 -5.42
CA ARG A 125 -16.28 -2.98 -6.10
C ARG A 125 -16.01 -1.47 -6.16
N HIS A 126 -15.25 -0.94 -5.20
CA HIS A 126 -14.90 0.49 -5.24
C HIS A 126 -13.65 0.77 -6.02
N ALA A 127 -13.04 -0.26 -6.58
CA ALA A 127 -11.71 -0.17 -7.14
C ALA A 127 -11.75 -0.29 -8.65
N TYR A 128 -12.63 0.50 -9.26
CA TYR A 128 -13.00 0.30 -10.68
C TYR A 128 -12.15 1.13 -11.64
N ILE A 129 -11.09 1.75 -11.12
CA ILE A 129 -10.30 2.64 -11.93
C ILE A 129 -9.18 1.83 -12.57
N GLY A 130 -9.17 1.83 -13.90
CA GLY A 130 -8.13 1.16 -14.65
C GLY A 130 -6.82 1.86 -14.45
N GLY A 131 -5.79 1.11 -14.07
CA GLY A 131 -4.43 1.65 -14.03
C GLY A 131 -3.50 0.82 -14.90
N MET A 132 -2.22 0.94 -14.67
CA MET A 132 -1.20 0.18 -15.39
C MET A 132 -1.50 -1.32 -15.50
N PHE A 133 -2.29 -1.90 -14.57
CA PHE A 133 -2.54 -3.35 -14.53
C PHE A 133 -4.01 -3.65 -14.38
N GLY A 134 -4.82 -2.75 -14.90
CA GLY A 134 -6.27 -2.92 -14.85
C GLY A 134 -6.87 -2.40 -13.55
N ALA A 135 -8.18 -2.55 -13.45
CA ALA A 135 -8.91 -2.22 -12.25
C ALA A 135 -8.50 -3.25 -11.22
N GLY A 136 -8.61 -2.88 -9.95
CA GLY A 136 -8.19 -3.74 -8.85
C GLY A 136 -7.58 -2.92 -7.73
N ILE A 137 -7.16 -3.61 -6.67
CA ILE A 137 -6.61 -2.97 -5.49
C ILE A 137 -5.08 -3.05 -5.54
N TYR A 138 -4.42 -1.87 -5.54
CA TYR A 138 -2.98 -1.74 -5.76
C TYR A 138 -2.13 -1.56 -4.47
N PHE A 139 -0.96 -2.23 -4.48
CA PHE A 139 0.04 -2.18 -3.45
C PHE A 139 1.42 -2.02 -4.07
N ALA A 140 2.34 -1.52 -3.25
CA ALA A 140 3.72 -1.31 -3.69
C ALA A 140 4.74 -1.74 -2.66
N GLU A 141 5.85 -2.27 -3.13
CA GLU A 141 7.06 -2.49 -2.28
C GLU A 141 7.80 -1.18 -1.91
N ASN A 142 7.84 -0.21 -2.80
CA ASN A 142 8.44 1.08 -2.50
C ASN A 142 7.40 1.96 -1.80
N SER A 143 7.65 2.32 -0.55
CA SER A 143 6.72 3.25 0.14
C SER A 143 6.55 4.56 -0.66
N SER A 144 7.63 5.04 -1.30
CA SER A 144 7.58 6.28 -2.10
C SER A 144 6.60 6.23 -3.29
N LYS A 145 6.29 5.02 -3.73
CA LYS A 145 5.39 4.79 -4.83
C LYS A 145 4.00 5.01 -4.30
N SER A 146 3.71 4.39 -3.17
CA SER A 146 2.40 4.55 -2.56
C SER A 146 2.18 6.03 -2.15
N ASN A 147 3.25 6.71 -1.75
CA ASN A 147 3.17 8.12 -1.42
C ASN A 147 2.68 9.01 -2.59
N GLN A 148 2.97 8.63 -3.83
CA GLN A 148 2.50 9.39 -4.98
C GLN A 148 1.01 9.45 -5.16
N TYR A 149 0.26 8.56 -4.50
CA TYR A 149 -1.17 8.44 -4.68
C TYR A 149 -1.99 8.91 -3.48
N VAL A 150 -1.37 9.32 -2.38
CA VAL A 150 -2.17 9.68 -1.21
C VAL A 150 -3.14 10.85 -1.53
N TYR A 151 -2.73 11.85 -2.32
CA TYR A 151 -3.65 12.93 -2.74
C TYR A 151 -4.39 12.67 -4.05
N GLY A 152 -4.28 11.42 -4.57
CA GLY A 152 -4.93 11.04 -5.81
C GLY A 152 -4.02 10.70 -7.00
N ILE A 153 -4.66 10.45 -8.13
CA ILE A 153 -3.92 10.03 -9.31
C ILE A 153 -2.87 11.08 -9.68
N GLY A 154 -1.65 10.64 -9.86
CA GLY A 154 -0.56 11.57 -10.10
C GLY A 154 -0.41 12.59 -8.98
N GLY A 155 -0.86 12.26 -7.78
CA GLY A 155 -0.87 13.24 -6.66
C GLY A 155 -1.98 14.30 -6.67
N GLY A 156 -2.91 14.22 -7.62
CA GLY A 156 -4.10 15.10 -7.66
C GLY A 156 -3.66 16.54 -7.68
N THR A 157 -4.30 17.39 -6.89
CA THR A 157 -3.90 18.80 -6.74
C THR A 157 -3.07 19.01 -5.43
N GLY A 158 -2.48 17.94 -4.88
CA GLY A 158 -1.70 18.03 -3.62
C GLY A 158 -2.57 18.16 -2.35
N CYS A 159 -1.97 18.62 -1.25
CA CYS A 159 -2.65 18.72 0.04
C CYS A 159 -3.88 19.66 -0.01
N PRO A 160 -4.93 19.35 0.78
CA PRO A 160 -6.15 20.16 0.74
C PRO A 160 -5.91 21.61 1.19
N VAL A 161 -4.98 21.84 2.10
CA VAL A 161 -4.77 23.16 2.64
C VAL A 161 -4.01 24.08 1.71
N HIS A 162 -2.91 23.60 1.15
CA HIS A 162 -2.02 24.43 0.36
C HIS A 162 -1.97 24.11 -1.13
N LYS A 163 -2.70 23.09 -1.59
CA LYS A 163 -2.59 22.62 -2.98
C LYS A 163 -1.17 22.34 -3.38
N ASP A 164 -0.37 21.77 -2.50
CA ASP A 164 1.02 21.58 -2.78
C ASP A 164 1.28 20.06 -2.73
N ARG A 165 1.69 19.51 -3.89
CA ARG A 165 1.97 18.07 -3.96
C ARG A 165 3.25 17.68 -3.22
N SER A 166 4.12 18.66 -3.04
CA SER A 166 5.33 18.50 -2.23
C SER A 166 5.17 19.18 -0.86
N CYS A 167 3.96 19.24 -0.30
CA CYS A 167 3.80 19.89 1.03
C CYS A 167 4.61 19.15 2.13
N TYR A 168 5.46 19.90 2.84
CA TYR A 168 6.24 19.41 4.00
C TYR A 168 5.52 19.63 5.37
N ILE A 169 4.30 20.18 5.32
CA ILE A 169 3.56 20.59 6.50
C ILE A 169 2.40 19.64 6.80
N CYS A 170 1.56 19.39 5.79
CA CYS A 170 0.39 18.57 6.00
C CYS A 170 0.76 17.11 6.28
N HIS A 171 -0.14 16.50 7.03
CA HIS A 171 0.00 15.13 7.49
C HIS A 171 -0.53 14.23 6.42
N ARG A 172 0.27 13.21 6.07
CA ARG A 172 -0.12 12.13 5.17
C ARG A 172 -0.30 10.78 5.88
N GLN A 173 -1.11 9.91 5.26
CA GLN A 173 -1.30 8.54 5.73
C GLN A 173 -1.14 7.44 4.67
N LEU A 174 -0.41 6.38 5.00
CA LEU A 174 -0.30 5.17 4.18
C LEU A 174 -0.76 4.01 5.02
N LEU A 175 -1.11 2.89 4.40
CA LEU A 175 -1.35 1.64 5.14
C LEU A 175 -0.21 0.70 4.82
N PHE A 176 0.24 -0.05 5.83
CA PHE A 176 1.22 -1.18 5.62
C PHE A 176 0.38 -2.43 5.87
N CYS A 177 0.19 -3.20 4.81
CA CYS A 177 -0.86 -4.22 4.75
C CYS A 177 -0.33 -5.64 4.56
N ARG A 178 -1.06 -6.60 5.13
CA ARG A 178 -0.86 -8.01 4.90
C ARG A 178 -1.71 -8.42 3.70
N VAL A 179 -1.03 -8.94 2.67
CA VAL A 179 -1.65 -9.23 1.39
C VAL A 179 -1.36 -10.69 0.93
N THR A 180 -2.42 -11.42 0.57
CA THR A 180 -2.30 -12.77 0.01
C THR A 180 -2.19 -12.71 -1.52
N LEU A 181 -1.00 -13.05 -2.08
CA LEU A 181 -0.80 -13.09 -3.54
C LEU A 181 -1.19 -14.42 -4.25
N GLY A 182 -1.07 -15.53 -3.55
CA GLY A 182 -1.30 -16.84 -4.15
C GLY A 182 -0.37 -17.04 -5.33
N LYS A 183 -0.87 -17.70 -6.38
CA LYS A 183 -0.15 -17.73 -7.64
C LYS A 183 -0.32 -16.38 -8.35
N SER A 184 0.79 -15.66 -8.55
CA SER A 184 0.69 -14.30 -9.05
C SER A 184 1.09 -14.25 -10.52
N PHE A 185 0.29 -13.66 -11.38
CA PHE A 185 0.65 -13.52 -12.76
C PHE A 185 1.76 -12.49 -12.92
N LEU A 186 2.87 -12.91 -13.55
CA LEU A 186 4.02 -12.03 -13.75
C LEU A 186 3.88 -11.17 -15.02
N GLN A 187 3.72 -9.85 -14.79
CA GLN A 187 3.61 -8.84 -15.81
C GLN A 187 4.85 -7.93 -15.79
N PHE A 188 5.76 -8.07 -16.75
CA PHE A 188 6.91 -7.21 -16.78
C PHE A 188 6.35 -5.91 -17.33
N SER A 189 6.79 -4.78 -16.78
CA SER A 189 6.26 -3.48 -17.19
C SER A 189 7.40 -2.68 -17.76
N ALA A 190 7.04 -1.75 -18.64
CA ALA A 190 8.00 -0.92 -19.35
C ALA A 190 8.47 0.32 -18.53
N MET A 191 8.33 0.25 -17.21
CA MET A 191 8.85 1.25 -16.29
C MET A 191 10.17 0.80 -15.63
N ALA B 2 -12.02 -5.65 -12.34
CA ALA B 2 -11.45 -6.69 -13.26
C ALA B 2 -11.37 -8.05 -12.55
N HIS B 3 -10.69 -9.00 -13.17
CA HIS B 3 -10.48 -10.30 -12.56
C HIS B 3 -9.01 -10.67 -12.72
N SER B 4 -8.54 -11.52 -11.80
CA SER B 4 -7.21 -12.08 -11.88
C SER B 4 -7.16 -12.82 -13.22
N PRO B 5 -5.99 -12.91 -13.85
CA PRO B 5 -5.95 -13.80 -15.01
C PRO B 5 -6.33 -15.23 -14.59
N PRO B 6 -7.02 -15.99 -15.47
CA PRO B 6 -7.50 -17.33 -15.08
C PRO B 6 -6.38 -18.19 -14.49
N GLY B 7 -6.68 -18.94 -13.45
CA GLY B 7 -5.67 -19.74 -12.73
C GLY B 7 -4.69 -18.97 -11.83
N HIS B 8 -4.84 -17.65 -11.70
CA HIS B 8 -3.99 -16.83 -10.81
C HIS B 8 -4.80 -16.12 -9.76
N HIS B 9 -4.13 -15.72 -8.67
CA HIS B 9 -4.83 -15.03 -7.56
C HIS B 9 -4.50 -13.53 -7.46
N SER B 10 -3.59 -13.04 -8.30
CA SER B 10 -3.13 -11.67 -8.21
C SER B 10 -2.28 -11.41 -9.42
N VAL B 11 -1.87 -10.16 -9.59
CA VAL B 11 -0.84 -9.78 -10.57
C VAL B 11 0.33 -9.10 -9.91
N THR B 12 1.52 -9.41 -10.40
CA THR B 12 2.76 -8.74 -10.04
C THR B 12 3.20 -7.89 -11.20
N GLY B 13 3.33 -6.59 -10.98
CA GLY B 13 3.83 -5.66 -11.99
C GLY B 13 5.26 -5.30 -11.71
N ARG B 14 6.17 -5.89 -12.49
CA ARG B 14 7.58 -5.83 -12.19
C ARG B 14 8.29 -4.92 -13.17
N PRO B 15 8.83 -3.77 -12.70
CA PRO B 15 9.53 -2.87 -13.64
C PRO B 15 10.72 -3.51 -14.32
N SER B 16 10.84 -3.35 -15.63
CA SER B 16 11.95 -4.00 -16.35
C SER B 16 13.01 -3.06 -16.93
N VAL B 17 12.75 -1.75 -16.86
CA VAL B 17 13.64 -0.72 -17.40
C VAL B 17 14.46 -0.15 -16.22
N ASN B 18 13.75 0.43 -15.26
CA ASN B 18 14.41 0.93 -14.04
C ASN B 18 14.72 -0.24 -13.10
N GLY B 19 15.98 -0.66 -13.11
CA GLY B 19 16.44 -1.78 -12.30
C GLY B 19 16.49 -1.51 -10.81
N LEU B 20 16.25 -0.26 -10.40
CA LEU B 20 16.18 0.07 -8.98
C LEU B 20 14.74 0.18 -8.45
N ALA B 21 13.74 0.04 -9.30
CA ALA B 21 12.36 0.16 -8.87
C ALA B 21 11.83 -1.21 -8.44
N LEU B 22 11.13 -1.26 -7.32
CA LEU B 22 10.61 -2.51 -6.79
C LEU B 22 9.24 -2.72 -7.41
N ALA B 23 8.61 -3.84 -7.07
CA ALA B 23 7.36 -4.26 -7.69
C ALA B 23 6.15 -3.58 -7.09
N GLU B 24 5.08 -3.61 -7.88
CA GLU B 24 3.73 -3.31 -7.48
C GLU B 24 2.91 -4.59 -7.68
N TYR B 25 1.86 -4.74 -6.88
CA TYR B 25 1.01 -5.89 -6.92
C TYR B 25 -0.46 -5.45 -7.01
N VAL B 26 -1.30 -6.25 -7.65
CA VAL B 26 -2.73 -6.03 -7.70
C VAL B 26 -3.53 -7.27 -7.33
N ILE B 27 -4.52 -7.05 -6.49
CA ILE B 27 -5.47 -8.08 -6.14
C ILE B 27 -6.86 -7.64 -6.58
N TYR B 28 -7.76 -8.62 -6.64
CA TYR B 28 -9.09 -8.46 -7.25
C TYR B 28 -10.19 -8.90 -6.31
N ARG B 29 -9.83 -9.27 -5.09
CA ARG B 29 -10.76 -9.45 -4.00
C ARG B 29 -10.28 -8.71 -2.78
N GLY B 30 -11.17 -7.92 -2.15
CA GLY B 30 -10.87 -7.23 -0.90
C GLY B 30 -10.44 -8.08 0.28
N GLU B 31 -11.02 -9.27 0.39
CA GLU B 31 -10.67 -10.20 1.45
C GLU B 31 -9.23 -10.73 1.34
N GLN B 32 -8.52 -10.45 0.25
CA GLN B 32 -7.13 -10.90 0.12
C GLN B 32 -6.08 -9.95 0.68
N ALA B 33 -6.52 -8.90 1.39
CA ALA B 33 -5.63 -7.97 2.10
C ALA B 33 -6.22 -7.60 3.43
N TYR B 34 -5.36 -7.38 4.41
CA TYR B 34 -5.81 -6.84 5.71
C TYR B 34 -4.95 -5.60 6.01
N PRO B 35 -5.59 -4.44 6.26
CA PRO B 35 -4.89 -3.18 6.52
C PRO B 35 -4.34 -3.12 7.93
N GLU B 36 -3.13 -3.55 8.14
CA GLU B 36 -2.68 -3.86 9.48
C GLU B 36 -2.12 -2.67 10.25
N TYR B 37 -1.41 -1.78 9.56
CA TYR B 37 -0.83 -0.57 10.20
C TYR B 37 -1.22 0.68 9.46
N LEU B 38 -1.60 1.71 10.23
CA LEU B 38 -1.92 3.04 9.68
C LEU B 38 -0.79 3.95 10.07
N ILE B 39 -0.09 4.47 9.07
CA ILE B 39 1.12 5.25 9.34
C ILE B 39 0.87 6.70 8.97
N THR B 40 1.06 7.60 9.94
CA THR B 40 0.82 9.08 9.75
C THR B 40 2.21 9.75 9.73
N TYR B 41 2.49 10.56 8.71
CA TYR B 41 3.84 11.04 8.45
C TYR B 41 3.83 12.35 7.68
N GLN B 42 4.98 13.03 7.67
CA GLN B 42 5.31 14.08 6.71
C GLN B 42 6.50 13.63 5.90
N ILE B 43 6.55 14.07 4.64
CA ILE B 43 7.78 14.00 3.85
C ILE B 43 8.71 15.08 4.36
N MET B 44 10.02 14.82 4.31
CA MET B 44 11.02 15.78 4.78
C MET B 44 11.80 16.43 3.62
N ARG B 45 11.94 17.76 3.70
CA ARG B 45 12.72 18.50 2.68
C ARG B 45 14.17 18.12 2.81
N PRO B 46 14.85 17.75 1.71
CA PRO B 46 16.29 17.41 1.87
C PRO B 46 17.13 18.58 2.35
N GLU B 47 18.26 18.27 3.01
CA GLU B 47 19.17 19.30 3.49
C GLU B 47 20.09 19.75 2.39
C BCT C . -0.41 2.11 -4.44
O1 BCT C . -1.49 2.53 -4.88
O2 BCT C . -0.25 1.98 -3.25
O3 BCT C . 0.58 1.80 -5.27
S SO4 D . 8.32 6.06 -11.42
O1 SO4 D . 7.81 6.54 -12.70
O2 SO4 D . 9.74 6.35 -11.28
O3 SO4 D . 8.22 4.59 -11.43
O4 SO4 D . 7.38 6.50 -10.41
CAZ 1TC E . -15.35 3.20 0.35
CAY 1TC E . -14.39 2.00 0.18
OBA 1TC E . -13.37 1.99 -0.68
NAX 1TC E . -14.46 0.83 0.82
CAW 1TC E . -13.47 0.07 0.35
CAV 1TC E . -12.77 0.78 -0.56
CAT 1TC E . -11.69 0.39 -1.29
OAU 1TC E . -11.22 -0.74 -1.19
NAS 1TC E . -11.31 1.30 -2.17
CAR 1TC E . -10.24 1.26 -2.97
CAQ 1TC E . -10.23 2.01 -4.14
CAO 1TC E . -9.11 2.06 -4.99
CLA 1TC E . -9.24 3.06 -6.54
CBB 1TC E . -9.09 0.58 -2.65
CBC 1TC E . -7.99 0.63 -3.48
CAN 1TC E . -7.94 1.35 -4.68
CAL 1TC E . -6.71 1.34 -5.42
OAM 1TC E . -5.77 0.60 -5.12
NAK 1TC E . -6.46 2.37 -6.24
CAJ 1TC E . -5.17 2.51 -6.86
CAI 1TC E . -5.20 3.43 -8.11
CBD 1TC E . -6.11 2.77 -9.15
CBE 1TC E . -5.40 2.66 -10.49
OBF 1TC E . -4.66 3.85 -10.81
CBG 1TC E . -3.48 3.94 -10.02
CBH 1TC E . -3.74 3.46 -8.56
CAF 1TC E . -5.71 4.75 -7.65
CAE 1TC E . -7.01 5.27 -7.96
CAD 1TC E . -7.49 6.50 -7.50
CAC 1TC E . -6.66 7.29 -6.66
OAB 1TC E . -6.98 8.53 -6.16
CAA 1TC E . -8.28 9.13 -6.46
CAH 1TC E . -5.40 6.79 -6.37
CAG 1TC E . -4.94 5.57 -6.83
ZN ZN F . -0.20 21.36 2.93
S SO4 G . 18.11 14.45 3.73
O1 SO4 G . 18.30 14.42 2.27
O2 SO4 G . 18.96 15.57 4.21
O3 SO4 G . 18.51 13.15 4.31
O4 SO4 G . 16.68 14.67 4.13
#